data_8VKZ
#
_entry.id   8VKZ
#
_cell.length_a   38.51
_cell.length_b   141.65
_cell.length_c   47.9
_cell.angle_alpha   90
_cell.angle_beta   93.46
_cell.angle_gamma   90
#
_symmetry.space_group_name_H-M   'P 1 21 1'
#
loop_
_entity.id
_entity.type
_entity.pdbx_description
1 polymer 'Glucocorticoid receptor'
2 polymer 'Nuclear receptor coactivator 2'
3 non-polymer "(4aR,4bS,5R,6aS,6bS,8R,9aR,10aR,10bR)-8-{4-[(3-aminophenyl)methyl]phenyl}-5-hydroxy-6b-(hydroxyacetyl)-4a,6a-dimethyl-4a,4b,5,6,6a,6b,9a,10,10a,10b,11,12-dodecahydro-2H,8H-naphtho[2',1':4,5]indeno[1,2-d][1,3]dioxol-2-one"
4 water water
#
loop_
_entity_poly.entity_id
_entity_poly.type
_entity_poly.pdbx_seq_one_letter_code
_entity_poly.pdbx_strand_id
1 'polypeptide(L)'
;GSLTPTLVSLLEVIEPEVLYAGYDSSVPDSTWRIMTTLNMLGGRQMIAAVKWAKAIPGFRNLHLDDQMTLLQYSWMSLMA
FALGWRSYRQSSANLLCFAPDLIINEQRMTLPDMYDQCKHMLYVSSELHRLQVSYEEYLCMKTLLLLSSVPKDGLKSQEL
FDEIRMTYIKELGKAIVKREGNSSQNWQRFYQLTKLLDSMHEVVENLLNYCFQTFLDKTMSIEFPEMLAEIITNQIPKYS
NGNIKKLLFHQK
;
A,B
2 'polypeptide(L)' KENALLRYLLDKDD D,E
#
# COMPACT_ATOMS: atom_id res chain seq x y z
N THR A 4 32.61 1.81 -31.01
CA THR A 4 31.99 0.69 -30.31
C THR A 4 31.16 1.22 -29.11
N PRO A 5 29.99 0.59 -28.86
CA PRO A 5 29.11 1.12 -27.80
C PRO A 5 29.50 0.69 -26.40
N THR A 6 30.26 1.54 -25.73
CA THR A 6 30.75 1.28 -24.38
C THR A 6 29.61 1.44 -23.37
N LEU A 7 28.76 2.45 -23.58
CA LEU A 7 27.62 2.72 -22.70
C LEU A 7 26.60 1.60 -22.69
N VAL A 8 26.31 0.98 -23.84
CA VAL A 8 25.38 -0.15 -23.93
C VAL A 8 25.73 -1.27 -22.97
N SER A 9 27.03 -1.56 -22.79
CA SER A 9 27.46 -2.60 -21.84
C SER A 9 27.14 -2.14 -20.43
N LEU A 10 27.39 -0.85 -20.10
CA LEU A 10 27.06 -0.29 -18.78
C LEU A 10 25.55 -0.22 -18.51
N LEU A 11 24.73 -0.18 -19.57
CA LEU A 11 23.28 -0.22 -19.47
C LEU A 11 22.81 -1.65 -19.15
N GLU A 12 23.50 -2.65 -19.73
CA GLU A 12 23.23 -4.09 -19.54
C GLU A 12 23.51 -4.49 -18.11
N VAL A 13 24.55 -3.90 -17.47
CA VAL A 13 24.94 -4.18 -16.09
C VAL A 13 23.88 -3.66 -15.14
N ILE A 14 23.45 -2.40 -15.35
CA ILE A 14 22.52 -1.76 -14.43
C ILE A 14 21.06 -2.10 -14.69
N GLU A 15 20.75 -2.93 -15.72
CA GLU A 15 19.36 -3.31 -16.02
C GLU A 15 18.73 -4.04 -14.83
N PRO A 16 17.58 -3.56 -14.34
CA PRO A 16 16.95 -4.23 -13.21
C PRO A 16 16.42 -5.61 -13.60
N GLU A 17 16.54 -6.58 -12.69
CA GLU A 17 16.04 -7.93 -12.90
C GLU A 17 14.51 -7.96 -12.95
N VAL A 18 13.94 -8.96 -13.62
CA VAL A 18 12.50 -9.09 -13.74
C VAL A 18 11.84 -9.47 -12.36
N LEU A 19 10.78 -8.72 -11.97
CA LEU A 19 10.09 -8.94 -10.70
C LEU A 19 8.83 -9.77 -10.88
N TYR A 20 8.46 -10.50 -9.84
CA TYR A 20 7.25 -11.30 -9.86
C TYR A 20 6.07 -10.48 -9.33
N ALA A 21 4.85 -10.77 -9.81
CA ALA A 21 3.66 -10.06 -9.36
C ALA A 21 3.13 -10.62 -8.03
N GLY A 22 3.41 -11.89 -7.76
CA GLY A 22 2.88 -12.58 -6.59
C GLY A 22 1.44 -12.88 -6.92
N TYR A 23 1.23 -13.68 -7.93
CA TYR A 23 -0.10 -14.00 -8.42
C TYR A 23 -0.26 -15.50 -8.56
N ASP A 24 -1.28 -16.05 -7.93
CA ASP A 24 -1.59 -17.46 -8.01
C ASP A 24 -3.02 -17.52 -8.41
N SER A 25 -3.33 -18.05 -9.60
CA SER A 25 -4.70 -18.14 -10.11
C SER A 25 -5.62 -18.99 -9.25
N SER A 26 -5.05 -20.01 -8.52
CA SER A 26 -5.79 -20.94 -7.67
C SER A 26 -6.42 -20.30 -6.40
N VAL A 27 -5.90 -19.12 -6.01
CA VAL A 27 -6.38 -18.35 -4.86
C VAL A 27 -7.62 -17.65 -5.32
N PRO A 28 -8.77 -17.89 -4.65
CA PRO A 28 -10.02 -17.22 -5.06
C PRO A 28 -9.90 -15.71 -5.10
N ASP A 29 -10.42 -15.09 -6.17
CA ASP A 29 -10.38 -13.65 -6.35
C ASP A 29 -11.17 -12.96 -5.24
N SER A 30 -12.32 -13.52 -4.86
CA SER A 30 -13.18 -12.97 -3.80
C SER A 30 -12.42 -12.97 -2.49
N THR A 31 -11.69 -14.06 -2.18
CA THR A 31 -10.88 -14.20 -0.97
C THR A 31 -9.76 -13.20 -0.97
N TRP A 32 -9.01 -13.10 -2.08
CA TRP A 32 -7.87 -12.20 -2.20
C TRP A 32 -8.29 -10.75 -2.04
N ARG A 33 -9.42 -10.39 -2.67
CA ARG A 33 -9.97 -9.04 -2.66
C ARG A 33 -10.44 -8.63 -1.29
N ILE A 34 -11.30 -9.42 -0.65
CA ILE A 34 -11.83 -9.15 0.67
C ILE A 34 -10.71 -8.94 1.68
N MET A 35 -9.72 -9.83 1.70
CA MET A 35 -8.65 -9.75 2.66
C MET A 35 -7.68 -8.60 2.44
N THR A 36 -7.35 -8.29 1.19
CA THR A 36 -6.48 -7.17 0.83
C THR A 36 -7.19 -5.86 1.13
N THR A 37 -8.48 -5.74 0.74
CA THR A 37 -9.34 -4.56 0.98
C THR A 37 -9.46 -4.27 2.48
N LEU A 38 -9.53 -5.33 3.30
CA LEU A 38 -9.59 -5.20 4.73
C LEU A 38 -8.26 -4.78 5.32
N ASN A 39 -7.15 -5.30 4.79
CA ASN A 39 -5.81 -4.87 5.22
C ASN A 39 -5.59 -3.40 4.88
N MET A 40 -6.16 -2.91 3.76
CA MET A 40 -6.02 -1.52 3.40
C MET A 40 -6.79 -0.63 4.35
N LEU A 41 -8.02 -1.04 4.71
CA LEU A 41 -8.89 -0.36 5.66
C LEU A 41 -8.23 -0.38 7.06
N GLY A 42 -7.64 -1.51 7.44
CA GLY A 42 -6.91 -1.63 8.69
C GLY A 42 -5.75 -0.64 8.80
N GLY A 43 -5.12 -0.33 7.67
CA GLY A 43 -4.04 0.63 7.64
C GLY A 43 -4.53 2.04 7.91
N ARG A 44 -5.70 2.39 7.35
CA ARG A 44 -6.27 3.73 7.57
C ARG A 44 -6.84 3.86 8.97
N GLN A 45 -7.50 2.82 9.45
CA GLN A 45 -8.01 2.77 10.82
C GLN A 45 -6.86 2.86 11.82
N MET A 46 -5.69 2.28 11.50
CA MET A 46 -4.50 2.30 12.33
C MET A 46 -3.88 3.67 12.41
N ILE A 47 -3.92 4.42 11.32
CA ILE A 47 -3.43 5.81 11.32
C ILE A 47 -4.38 6.64 12.18
N ALA A 48 -5.70 6.43 12.05
CA ALA A 48 -6.70 7.15 12.85
C ALA A 48 -6.50 6.87 14.31
N ALA A 49 -6.18 5.59 14.68
CA ALA A 49 -5.92 5.11 16.04
C ALA A 49 -4.72 5.80 16.67
N VAL A 50 -3.61 6.01 15.92
CA VAL A 50 -2.44 6.72 16.43
C VAL A 50 -2.84 8.14 16.89
N LYS A 51 -3.66 8.81 16.06
CA LYS A 51 -4.16 10.17 16.29
C LYS A 51 -5.09 10.23 17.51
N TRP A 52 -5.90 9.18 17.71
CA TRP A 52 -6.82 8.97 18.82
C TRP A 52 -6.02 8.75 20.10
N ALA A 53 -5.04 7.83 20.09
CA ALA A 53 -4.27 7.48 21.28
C ALA A 53 -3.56 8.70 21.84
N LYS A 54 -3.04 9.58 20.96
CA LYS A 54 -2.38 10.83 21.35
C LYS A 54 -3.35 11.80 22.03
N ALA A 55 -4.66 11.68 21.76
CA ALA A 55 -5.71 12.48 22.37
C ALA A 55 -6.36 11.79 23.61
N ILE A 56 -5.68 10.79 24.18
CA ILE A 56 -6.16 10.11 25.37
C ILE A 56 -5.45 10.79 26.51
N PRO A 57 -6.19 11.35 27.48
CA PRO A 57 -5.56 12.06 28.57
C PRO A 57 -4.55 11.22 29.31
N GLY A 58 -3.30 11.66 29.27
CA GLY A 58 -2.21 10.98 29.92
C GLY A 58 -1.35 10.13 29.02
N PHE A 59 -1.88 9.66 27.87
CA PHE A 59 -1.09 8.80 26.97
C PHE A 59 0.17 9.47 26.49
N ARG A 60 0.08 10.75 26.19
CA ARG A 60 1.19 11.56 25.71
C ARG A 60 2.29 11.83 26.78
N ASN A 61 2.03 11.47 28.03
CA ASN A 61 3.01 11.62 29.12
C ASN A 61 4.00 10.47 29.13
N LEU A 62 3.59 9.27 28.67
CA LEU A 62 4.48 8.11 28.59
C LEU A 62 5.67 8.40 27.66
N HIS A 63 6.78 7.66 27.81
CA HIS A 63 7.95 7.79 26.92
C HIS A 63 7.50 7.47 25.50
N LEU A 64 8.09 8.09 24.47
CA LEU A 64 7.67 7.87 23.09
C LEU A 64 7.77 6.38 22.69
N ASP A 65 8.82 5.68 23.18
CA ASP A 65 9.02 4.26 22.91
C ASP A 65 7.93 3.39 23.54
N ASP A 66 7.36 3.84 24.67
CA ASP A 66 6.26 3.17 25.34
C ASP A 66 4.98 3.41 24.57
N GLN A 67 4.78 4.63 24.03
CA GLN A 67 3.62 4.94 23.20
C GLN A 67 3.67 4.07 21.93
N MET A 68 4.86 3.91 21.35
CA MET A 68 5.07 3.07 20.18
C MET A 68 4.74 1.61 20.52
N THR A 69 5.33 1.10 21.60
CA THR A 69 5.14 -0.27 22.07
C THR A 69 3.66 -0.63 22.27
N LEU A 70 2.92 0.18 23.01
CA LEU A 70 1.53 -0.07 23.28
C LEU A 70 0.68 -0.15 22.01
N LEU A 71 0.89 0.75 21.04
CA LEU A 71 0.12 0.75 19.79
C LEU A 71 0.42 -0.49 18.94
N GLN A 72 1.67 -1.00 19.01
CA GLN A 72 2.12 -2.18 18.27
C GLN A 72 1.62 -3.49 18.87
N TYR A 73 1.56 -3.56 20.21
CA TYR A 73 1.09 -4.71 20.99
C TYR A 73 -0.44 -4.84 21.00
N SER A 74 -1.13 -3.70 20.90
CA SER A 74 -2.59 -3.67 21.00
C SER A 74 -3.36 -3.40 19.74
N TRP A 75 -2.72 -3.00 18.62
CA TRP A 75 -3.49 -2.65 17.40
C TRP A 75 -4.59 -3.66 17.02
N MET A 76 -4.31 -4.98 17.02
CA MET A 76 -5.33 -5.97 16.67
C MET A 76 -6.46 -6.00 17.68
N SER A 77 -6.16 -5.71 18.94
CA SER A 77 -7.14 -5.68 20.00
C SER A 77 -8.13 -4.51 19.82
N LEU A 78 -7.64 -3.30 19.51
CA LEU A 78 -8.50 -2.16 19.29
C LEU A 78 -9.36 -2.36 18.03
N MET A 79 -8.77 -2.95 16.99
CA MET A 79 -9.43 -3.22 15.72
C MET A 79 -10.56 -4.22 15.84
N ALA A 80 -10.34 -5.34 16.54
CA ALA A 80 -11.35 -6.37 16.75
C ALA A 80 -12.44 -5.89 17.72
N PHE A 81 -12.07 -5.08 18.70
CA PHE A 81 -13.02 -4.53 19.66
C PHE A 81 -13.88 -3.44 19.00
N ALA A 82 -13.31 -2.58 18.11
CA ALA A 82 -14.14 -1.58 17.43
C ALA A 82 -15.02 -2.28 16.38
N LEU A 83 -14.49 -3.36 15.71
CA LEU A 83 -15.27 -4.15 14.77
C LEU A 83 -16.47 -4.79 15.51
N GLY A 84 -16.22 -5.31 16.71
CA GLY A 84 -17.26 -5.94 17.52
C GLY A 84 -18.39 -4.98 17.87
N TRP A 85 -18.03 -3.75 18.23
CA TRP A 85 -18.95 -2.69 18.58
C TRP A 85 -19.86 -2.33 17.40
N ARG A 86 -19.28 -2.02 16.26
CA ARG A 86 -19.98 -1.68 15.03
C ARG A 86 -20.94 -2.78 14.58
N SER A 87 -20.54 -4.04 14.77
CA SER A 87 -21.33 -5.21 14.44
C SER A 87 -22.53 -5.41 15.39
N TYR A 88 -22.42 -4.87 16.63
CA TYR A 88 -23.39 -4.89 17.72
C TYR A 88 -24.40 -3.73 17.49
N ARG A 89 -23.88 -2.57 17.09
CA ARG A 89 -24.66 -1.39 16.76
C ARG A 89 -25.43 -1.53 15.43
N GLN A 90 -25.17 -2.62 14.66
CA GLN A 90 -25.90 -2.93 13.43
C GLN A 90 -27.24 -3.63 13.75
N SER A 91 -27.43 -4.10 15.03
CA SER A 91 -28.62 -4.73 15.61
C SER A 91 -28.93 -6.13 15.06
N SER A 92 -28.55 -6.40 13.80
CA SER A 92 -28.76 -7.73 13.22
C SER A 92 -27.58 -8.57 13.64
N ALA A 93 -27.84 -9.62 14.40
CA ALA A 93 -26.76 -10.50 14.87
C ALA A 93 -26.09 -11.24 13.69
N ASN A 94 -24.89 -11.82 13.93
CA ASN A 94 -24.12 -12.59 12.98
C ASN A 94 -23.60 -11.78 11.78
N LEU A 95 -23.47 -10.47 11.95
CA LEU A 95 -22.92 -9.59 10.94
C LEU A 95 -21.56 -9.11 11.42
N LEU A 96 -20.63 -8.92 10.48
CA LEU A 96 -19.34 -8.34 10.79
C LEU A 96 -19.28 -7.01 10.03
N CYS A 97 -19.55 -5.91 10.73
CA CYS A 97 -19.56 -4.59 10.14
C CYS A 97 -18.15 -3.98 10.14
N PHE A 98 -17.33 -4.39 9.17
CA PHE A 98 -15.96 -3.89 8.98
C PHE A 98 -16.01 -2.44 8.62
N ALA A 99 -16.88 -2.10 7.69
CA ALA A 99 -17.11 -0.75 7.26
C ALA A 99 -18.60 -0.68 6.84
N PRO A 100 -19.19 0.53 6.71
CA PRO A 100 -20.61 0.59 6.33
C PRO A 100 -20.86 0.00 4.94
N ASP A 101 -19.87 0.13 4.05
CA ASP A 101 -19.96 -0.40 2.70
C ASP A 101 -19.45 -1.84 2.58
N LEU A 102 -18.82 -2.39 3.63
CA LEU A 102 -18.34 -3.77 3.65
C LEU A 102 -18.82 -4.52 4.92
N ILE A 103 -20.03 -5.07 4.82
CA ILE A 103 -20.60 -5.81 5.92
C ILE A 103 -20.67 -7.28 5.55
N ILE A 104 -19.82 -8.08 6.18
CA ILE A 104 -19.80 -9.51 5.91
C ILE A 104 -20.96 -10.15 6.66
N ASN A 105 -22.00 -10.53 5.91
CA ASN A 105 -23.12 -11.23 6.48
C ASN A 105 -22.64 -12.66 6.56
N GLU A 106 -22.28 -13.13 7.78
CA GLU A 106 -21.74 -14.45 8.14
C GLU A 106 -22.24 -15.60 7.25
N GLN A 107 -23.51 -15.55 6.82
CA GLN A 107 -24.06 -16.58 5.96
C GLN A 107 -23.41 -16.61 4.55
N ARG A 108 -23.51 -15.52 3.75
CA ARG A 108 -22.95 -15.47 2.40
C ARG A 108 -21.46 -15.10 2.43
N PRO A 112 -14.70 -23.28 4.43
CA PRO A 112 -14.55 -22.75 5.80
C PRO A 112 -13.09 -22.44 6.15
N ASP A 113 -12.43 -21.60 5.33
CA ASP A 113 -11.04 -21.24 5.61
C ASP A 113 -10.98 -20.32 6.82
N MET A 114 -11.87 -19.33 6.87
CA MET A 114 -11.90 -18.38 7.98
C MET A 114 -12.98 -18.75 9.00
N TYR A 115 -13.17 -20.05 9.28
CA TYR A 115 -14.16 -20.48 10.26
C TYR A 115 -13.65 -20.16 11.66
N ASP A 116 -12.40 -20.53 11.97
CA ASP A 116 -11.81 -20.24 13.28
C ASP A 116 -11.73 -18.72 13.49
N GLN A 117 -11.33 -17.98 12.45
CA GLN A 117 -11.20 -16.53 12.47
C GLN A 117 -12.54 -15.82 12.69
N CYS A 118 -13.53 -16.08 11.81
CA CYS A 118 -14.86 -15.49 11.87
C CYS A 118 -15.55 -15.73 13.21
N LYS A 119 -15.36 -16.93 13.80
CA LYS A 119 -15.95 -17.26 15.09
C LYS A 119 -15.37 -16.43 16.23
N HIS A 120 -14.10 -16.00 16.12
CA HIS A 120 -13.47 -15.15 17.13
C HIS A 120 -13.87 -13.67 16.94
N MET A 121 -14.13 -13.25 15.69
CA MET A 121 -14.58 -11.89 15.41
C MET A 121 -16.02 -11.73 15.88
N LEU A 122 -16.87 -12.71 15.57
CA LEU A 122 -18.27 -12.66 15.99
C LEU A 122 -18.41 -12.71 17.50
N TYR A 123 -17.50 -13.42 18.19
CA TYR A 123 -17.52 -13.53 19.66
C TYR A 123 -17.62 -12.19 20.35
N VAL A 124 -16.81 -11.20 19.92
CA VAL A 124 -16.78 -9.86 20.52
C VAL A 124 -18.14 -9.16 20.42
N SER A 125 -18.77 -9.31 19.26
CA SER A 125 -20.08 -8.76 18.95
C SER A 125 -21.16 -9.45 19.83
N SER A 126 -21.14 -10.79 19.89
CA SER A 126 -22.09 -11.55 20.69
C SER A 126 -21.95 -11.26 22.19
N GLU A 127 -20.72 -11.05 22.67
CA GLU A 127 -20.49 -10.75 24.06
C GLU A 127 -20.95 -9.36 24.43
N LEU A 128 -20.73 -8.37 23.55
CA LEU A 128 -21.23 -7.01 23.79
C LEU A 128 -22.78 -7.01 23.83
N HIS A 129 -23.42 -7.83 22.96
CA HIS A 129 -24.87 -7.92 22.93
C HIS A 129 -25.44 -8.60 24.17
N ARG A 130 -24.73 -9.59 24.70
CA ARG A 130 -25.11 -10.33 25.90
C ARG A 130 -25.04 -9.42 27.12
N LEU A 131 -23.91 -8.69 27.28
CA LEU A 131 -23.77 -7.78 28.43
C LEU A 131 -24.47 -6.42 28.23
N GLN A 132 -25.09 -6.18 27.06
CA GLN A 132 -25.79 -4.92 26.81
C GLN A 132 -24.93 -3.68 27.11
N VAL A 133 -23.67 -3.74 26.68
CA VAL A 133 -22.66 -2.73 26.88
C VAL A 133 -23.07 -1.36 26.35
N SER A 134 -23.02 -0.35 27.22
CA SER A 134 -23.33 1.01 26.83
C SER A 134 -22.14 1.65 26.10
N TYR A 135 -22.34 2.83 25.50
CA TYR A 135 -21.29 3.53 24.78
C TYR A 135 -20.23 4.13 25.73
N GLU A 136 -20.60 4.49 26.97
CA GLU A 136 -19.64 5.02 27.94
C GLU A 136 -18.75 3.88 28.49
N GLU A 137 -19.32 2.67 28.65
CA GLU A 137 -18.52 1.52 29.10
C GLU A 137 -17.56 1.12 28.00
N TYR A 138 -18.04 1.07 26.74
CA TYR A 138 -17.24 0.71 25.57
C TYR A 138 -16.00 1.58 25.44
N LEU A 139 -16.16 2.89 25.59
CA LEU A 139 -15.04 3.81 25.43
C LEU A 139 -13.95 3.61 26.49
N CYS A 140 -14.33 3.21 27.72
CA CYS A 140 -13.35 2.94 28.78
C CYS A 140 -12.65 1.65 28.49
N MET A 141 -13.41 0.61 28.08
CA MET A 141 -12.91 -0.70 27.72
C MET A 141 -11.92 -0.66 26.58
N LYS A 142 -12.21 0.10 25.51
CA LYS A 142 -11.35 0.24 24.32
C LYS A 142 -10.04 0.97 24.66
N THR A 143 -10.10 1.91 25.62
CA THR A 143 -8.92 2.64 26.09
C THR A 143 -7.98 1.70 26.88
N LEU A 144 -8.59 0.75 27.62
CA LEU A 144 -7.94 -0.25 28.46
C LEU A 144 -7.30 -1.37 27.62
N LEU A 145 -7.79 -1.63 26.39
CA LEU A 145 -7.15 -2.61 25.51
C LEU A 145 -5.84 -2.05 24.92
N LEU A 146 -5.70 -0.72 24.85
CA LEU A 146 -4.45 -0.07 24.43
C LEU A 146 -3.31 -0.32 25.46
N LEU A 147 -3.70 -0.46 26.72
CA LEU A 147 -2.87 -0.67 27.90
C LEU A 147 -3.05 -2.12 28.44
N SER A 148 -3.41 -3.09 27.58
CA SER A 148 -3.66 -4.47 28.04
C SER A 148 -2.48 -5.43 27.89
N SER A 149 -1.46 -5.05 27.13
CA SER A 149 -0.31 -5.91 26.87
C SER A 149 0.94 -5.11 26.88
N VAL A 150 1.96 -5.58 27.59
CA VAL A 150 3.23 -4.87 27.69
C VAL A 150 4.41 -5.78 27.30
N PRO A 151 5.62 -5.24 27.04
CA PRO A 151 6.77 -6.14 26.81
C PRO A 151 7.09 -6.89 28.12
N LYS A 152 7.58 -8.14 28.01
CA LYS A 152 7.94 -8.97 29.16
C LYS A 152 8.90 -8.25 30.12
N ASP A 153 9.85 -7.48 29.60
CA ASP A 153 10.78 -6.72 30.45
C ASP A 153 10.10 -5.52 31.16
N GLY A 154 9.17 -4.84 30.48
CA GLY A 154 8.47 -3.70 31.07
C GLY A 154 8.66 -2.38 30.33
N LEU A 155 7.88 -1.37 30.72
CA LEU A 155 7.95 -0.07 30.07
C LEU A 155 8.94 0.91 30.72
N LYS A 156 9.49 1.83 29.93
CA LYS A 156 10.43 2.86 30.40
C LYS A 156 9.76 3.92 31.32
N SER A 157 8.40 3.97 31.33
CA SER A 157 7.61 4.88 32.15
C SER A 157 6.53 4.02 32.86
N GLN A 158 6.98 2.93 33.49
CA GLN A 158 6.12 1.97 34.17
C GLN A 158 5.28 2.57 35.30
N GLU A 159 5.86 3.43 36.14
CA GLU A 159 5.10 4.08 37.22
C GLU A 159 3.97 4.95 36.70
N LEU A 160 4.20 5.62 35.58
CA LEU A 160 3.21 6.48 34.98
C LEU A 160 2.16 5.66 34.24
N PHE A 161 2.57 4.57 33.55
CA PHE A 161 1.67 3.67 32.83
C PHE A 161 0.70 3.03 33.80
N ASP A 162 1.18 2.60 34.96
CA ASP A 162 0.33 1.96 35.95
C ASP A 162 -0.70 2.92 36.53
N GLU A 163 -0.29 4.18 36.71
CA GLU A 163 -1.12 5.28 37.22
C GLU A 163 -2.20 5.66 36.20
N ILE A 164 -1.88 5.55 34.89
CA ILE A 164 -2.79 5.84 33.77
C ILE A 164 -3.77 4.68 33.61
N ARG A 165 -3.29 3.45 33.67
CA ARG A 165 -4.14 2.28 33.53
C ARG A 165 -5.19 2.21 34.67
N MET A 166 -4.79 2.59 35.88
CA MET A 166 -5.65 2.61 37.05
C MET A 166 -6.77 3.65 36.93
N THR A 167 -6.46 4.79 36.28
CA THR A 167 -7.40 5.87 35.98
C THR A 167 -8.53 5.37 35.05
N TYR A 168 -8.21 4.49 34.09
CA TYR A 168 -9.22 4.02 33.14
C TYR A 168 -10.00 2.83 33.69
N ILE A 169 -9.40 2.04 34.60
CA ILE A 169 -10.12 0.98 35.31
C ILE A 169 -11.14 1.70 36.24
N LYS A 170 -10.69 2.75 36.94
CA LYS A 170 -11.53 3.56 37.81
C LYS A 170 -12.63 4.22 36.99
N GLU A 171 -12.30 4.75 35.81
CA GLU A 171 -13.26 5.36 34.89
C GLU A 171 -14.33 4.36 34.42
N LEU A 172 -13.94 3.08 34.21
CA LEU A 172 -14.91 2.06 33.82
C LEU A 172 -15.89 1.82 34.97
N GLY A 173 -15.39 1.80 36.20
CA GLY A 173 -16.22 1.65 37.39
C GLY A 173 -17.28 2.73 37.52
N LYS A 174 -16.91 4.01 37.28
CA LYS A 174 -17.82 5.17 37.31
C LYS A 174 -18.90 5.04 36.24
N ALA A 175 -18.51 4.60 35.03
CA ALA A 175 -19.43 4.41 33.90
C ALA A 175 -20.52 3.35 34.22
N ILE A 176 -20.24 2.41 35.13
CA ILE A 176 -21.22 1.41 35.55
C ILE A 176 -22.09 1.98 36.71
N VAL A 177 -21.43 2.55 37.73
CA VAL A 177 -22.07 3.17 38.89
C VAL A 177 -22.87 4.42 38.48
N SER A 184 -26.79 -0.90 42.50
CA SER A 184 -26.27 -0.94 43.87
C SER A 184 -24.98 -1.78 43.97
N GLN A 185 -25.06 -3.14 43.88
CA GLN A 185 -23.89 -4.01 43.95
C GLN A 185 -23.42 -4.41 42.57
N ASN A 186 -23.28 -3.38 41.71
CA ASN A 186 -22.87 -3.37 40.30
C ASN A 186 -21.46 -3.84 40.02
N TRP A 187 -20.72 -4.26 41.04
CA TRP A 187 -19.34 -4.73 40.85
C TRP A 187 -19.28 -6.13 40.15
N GLN A 188 -20.45 -6.79 39.99
CA GLN A 188 -20.65 -8.00 39.21
C GLN A 188 -20.57 -7.60 37.71
N ARG A 189 -21.06 -6.39 37.34
CA ARG A 189 -20.95 -5.86 35.98
C ARG A 189 -19.48 -5.53 35.70
N PHE A 190 -18.78 -4.94 36.68
CA PHE A 190 -17.35 -4.65 36.61
C PHE A 190 -16.56 -5.96 36.43
N TYR A 191 -17.01 -7.05 37.09
CA TYR A 191 -16.39 -8.36 36.94
C TYR A 191 -16.64 -8.87 35.50
N GLN A 192 -17.92 -8.83 35.06
CA GLN A 192 -18.34 -9.31 33.74
C GLN A 192 -17.71 -8.59 32.56
N LEU A 193 -17.49 -7.27 32.68
CA LEU A 193 -16.90 -6.41 31.65
C LEU A 193 -15.41 -6.60 31.60
N THR A 194 -14.75 -6.71 32.77
CA THR A 194 -13.31 -6.97 32.80
C THR A 194 -12.98 -8.41 32.33
N LYS A 195 -13.94 -9.33 32.48
CA LYS A 195 -13.83 -10.70 31.99
C LYS A 195 -13.82 -10.66 30.45
N LEU A 196 -14.70 -9.84 29.83
CA LEU A 196 -14.72 -9.67 28.36
C LEU A 196 -13.39 -9.11 27.89
N LEU A 197 -12.84 -8.11 28.60
CA LEU A 197 -11.53 -7.56 28.30
C LEU A 197 -10.45 -8.64 28.35
N ASP A 198 -10.45 -9.49 29.41
CA ASP A 198 -9.49 -10.59 29.54
C ASP A 198 -9.58 -11.54 28.36
N SER A 199 -10.81 -11.92 27.93
CA SER A 199 -11.04 -12.81 26.78
C SER A 199 -10.63 -12.21 25.43
N MET A 200 -10.33 -10.91 25.40
CA MET A 200 -9.87 -10.26 24.18
C MET A 200 -8.49 -10.74 23.81
N HIS A 201 -7.65 -11.08 24.79
CA HIS A 201 -6.31 -11.62 24.59
C HIS A 201 -6.37 -12.89 23.74
N GLU A 202 -7.35 -13.75 24.00
CA GLU A 202 -7.47 -15.01 23.26
C GLU A 202 -7.94 -14.79 21.84
N VAL A 203 -8.83 -13.79 21.64
CA VAL A 203 -9.37 -13.42 20.34
C VAL A 203 -8.22 -12.90 19.49
N VAL A 204 -7.46 -11.94 20.03
CA VAL A 204 -6.33 -11.36 19.36
C VAL A 204 -5.28 -12.37 18.96
N GLU A 205 -5.04 -13.44 19.76
CA GLU A 205 -4.03 -14.41 19.38
C GLU A 205 -4.44 -15.24 18.17
N ASN A 206 -5.73 -15.52 18.03
CA ASN A 206 -6.26 -16.29 16.91
C ASN A 206 -6.28 -15.47 15.61
N LEU A 207 -6.57 -14.14 15.73
CA LEU A 207 -6.58 -13.21 14.60
C LEU A 207 -5.16 -12.78 14.18
N LEU A 208 -4.27 -12.55 15.16
CA LEU A 208 -2.86 -12.23 14.91
C LEU A 208 -2.15 -13.42 14.28
N ASN A 209 -2.50 -14.64 14.69
CA ASN A 209 -1.89 -15.83 14.10
C ASN A 209 -2.26 -15.93 12.59
N TYR A 210 -3.53 -15.65 12.25
CA TYR A 210 -3.95 -15.69 10.85
C TYR A 210 -3.37 -14.55 10.06
N CYS A 211 -3.22 -13.40 10.69
CA CYS A 211 -2.64 -12.23 10.08
C CYS A 211 -1.16 -12.53 9.70
N PHE A 212 -0.38 -13.13 10.61
CA PHE A 212 1.02 -13.48 10.32
C PHE A 212 1.12 -14.51 9.23
N GLN A 213 0.19 -15.48 9.20
CA GLN A 213 0.16 -16.50 8.14
C GLN A 213 -0.05 -15.85 6.73
N THR A 214 -0.99 -14.90 6.58
CA THR A 214 -1.24 -14.24 5.30
C THR A 214 -0.16 -13.20 4.96
N PHE A 215 0.51 -12.63 5.98
CA PHE A 215 1.60 -11.70 5.78
C PHE A 215 2.79 -12.43 5.16
N LEU A 216 3.07 -13.65 5.61
CA LEU A 216 4.19 -14.42 5.11
C LEU A 216 3.88 -15.36 3.96
N ASP A 217 2.60 -15.60 3.63
CA ASP A 217 2.28 -16.55 2.56
C ASP A 217 2.49 -16.02 1.15
N LYS A 218 3.50 -16.54 0.41
CA LYS A 218 3.81 -16.08 -0.94
C LYS A 218 2.93 -16.68 -2.02
N THR A 219 2.27 -17.81 -1.76
CA THR A 219 1.36 -18.42 -2.74
C THR A 219 0.11 -17.55 -2.83
N MET A 220 -0.42 -17.09 -1.67
CA MET A 220 -1.59 -16.24 -1.65
C MET A 220 -1.24 -14.81 -2.02
N SER A 221 -0.10 -14.30 -1.52
CA SER A 221 0.39 -12.93 -1.77
C SER A 221 -0.64 -11.80 -1.51
N ILE A 222 -1.32 -11.87 -0.36
CA ILE A 222 -2.27 -10.85 0.10
C ILE A 222 -1.48 -9.56 0.35
N GLU A 223 -2.00 -8.41 -0.09
CA GLU A 223 -1.30 -7.13 0.08
C GLU A 223 -1.70 -6.45 1.38
N PHE A 224 -0.78 -5.65 1.93
CA PHE A 224 -0.94 -4.90 3.18
C PHE A 224 -0.38 -3.53 2.96
N PRO A 225 -0.95 -2.51 3.60
CA PRO A 225 -0.34 -1.18 3.55
C PRO A 225 0.96 -1.14 4.37
N GLU A 226 1.82 -0.18 4.05
CA GLU A 226 3.10 0.00 4.72
C GLU A 226 2.98 0.24 6.24
N MET A 227 1.85 0.79 6.71
CA MET A 227 1.65 1.02 8.15
C MET A 227 1.50 -0.31 8.90
N LEU A 228 0.64 -1.21 8.40
CA LEU A 228 0.46 -2.53 8.98
C LEU A 228 1.65 -3.43 8.75
N ALA A 229 2.26 -3.38 7.56
CA ALA A 229 3.43 -4.23 7.28
C ALA A 229 4.60 -3.95 8.25
N GLU A 230 4.74 -2.72 8.72
CA GLU A 230 5.78 -2.32 9.67
C GLU A 230 5.43 -2.76 11.11
N ILE A 231 4.14 -2.72 11.46
CA ILE A 231 3.72 -3.21 12.76
C ILE A 231 3.88 -4.75 12.80
N ILE A 232 3.39 -5.45 11.77
CA ILE A 232 3.49 -6.90 11.70
C ILE A 232 4.95 -7.37 11.72
N THR A 233 5.82 -6.73 10.91
CA THR A 233 7.26 -7.00 10.84
C THR A 233 7.93 -6.86 12.22
N ASN A 234 7.59 -5.82 12.94
CA ASN A 234 8.13 -5.57 14.26
C ASN A 234 7.61 -6.56 15.30
N GLN A 235 6.33 -6.91 15.23
CA GLN A 235 5.71 -7.79 16.22
C GLN A 235 5.93 -9.28 16.04
N ILE A 236 6.08 -9.81 14.81
CA ILE A 236 6.29 -11.26 14.60
C ILE A 236 7.39 -11.84 15.55
N PRO A 237 8.61 -11.23 15.64
CA PRO A 237 9.63 -11.79 16.55
C PRO A 237 9.20 -11.81 18.01
N LYS A 238 8.54 -10.75 18.48
CA LYS A 238 8.09 -10.64 19.85
C LYS A 238 7.00 -11.66 20.15
N TYR A 239 6.12 -11.94 19.17
CA TYR A 239 5.07 -12.94 19.30
C TYR A 239 5.69 -14.33 19.44
N SER A 240 6.68 -14.67 18.59
CA SER A 240 7.38 -15.96 18.63
C SER A 240 8.24 -16.14 19.90
N ASN A 241 9.02 -15.12 20.28
CA ASN A 241 9.82 -15.17 21.52
C ASN A 241 8.95 -15.13 22.80
N GLY A 242 7.63 -15.01 22.65
CA GLY A 242 6.70 -14.89 23.78
C GLY A 242 7.03 -13.70 24.66
N ASN A 243 7.55 -12.62 24.05
CA ASN A 243 8.00 -11.43 24.76
C ASN A 243 6.86 -10.50 25.18
N ILE A 244 5.64 -11.03 25.33
CA ILE A 244 4.51 -10.20 25.68
C ILE A 244 3.94 -10.64 27.03
N LYS A 245 3.59 -9.64 27.85
CA LYS A 245 3.02 -9.79 29.17
C LYS A 245 1.60 -9.32 29.10
N LYS A 246 0.67 -10.26 29.02
CA LYS A 246 -0.76 -9.95 28.96
C LYS A 246 -1.24 -9.59 30.36
N LEU A 247 -1.68 -8.34 30.57
CA LEU A 247 -2.15 -7.91 31.90
C LEU A 247 -3.58 -8.37 32.08
N LEU A 248 -3.85 -9.17 33.11
CA LEU A 248 -5.20 -9.64 33.35
C LEU A 248 -5.88 -9.00 34.56
N PHE A 249 -7.21 -8.94 34.52
CA PHE A 249 -8.02 -8.45 35.61
C PHE A 249 -8.36 -9.65 36.55
N HIS A 250 -8.48 -10.89 35.99
CA HIS A 250 -8.78 -12.11 36.74
C HIS A 250 -7.82 -13.24 36.39
N GLN A 251 -7.52 -14.10 37.35
CA GLN A 251 -6.62 -15.23 37.14
C GLN A 251 -7.24 -16.22 36.15
N LYS A 252 -6.45 -16.71 35.18
CA LYS A 252 -6.90 -17.66 34.16
C LYS A 252 -7.59 -18.92 34.73
N LEU B 3 -17.09 11.42 41.84
CA LEU B 3 -17.94 10.29 41.49
C LEU B 3 -18.53 10.37 40.07
N THR B 4 -18.30 11.48 39.33
CA THR B 4 -18.84 11.65 37.98
C THR B 4 -17.79 11.34 36.91
N PRO B 5 -18.15 10.59 35.84
CA PRO B 5 -17.16 10.27 34.80
C PRO B 5 -16.82 11.45 33.91
N THR B 6 -15.73 12.13 34.25
CA THR B 6 -15.30 13.31 33.51
C THR B 6 -14.46 12.94 32.28
N LEU B 7 -13.65 11.89 32.39
CA LEU B 7 -12.79 11.43 31.28
C LEU B 7 -13.53 10.82 30.11
N VAL B 8 -14.60 10.05 30.37
CA VAL B 8 -15.41 9.42 29.34
C VAL B 8 -16.04 10.43 28.34
N SER B 9 -16.15 11.69 28.75
CA SER B 9 -16.68 12.76 27.91
C SER B 9 -15.64 13.15 26.88
N LEU B 10 -14.35 13.25 27.31
CA LEU B 10 -13.21 13.51 26.43
C LEU B 10 -13.02 12.36 25.43
N LEU B 11 -13.33 11.12 25.83
CA LEU B 11 -13.21 9.97 24.95
C LEU B 11 -14.23 9.98 23.85
N GLU B 12 -15.47 10.44 24.12
CA GLU B 12 -16.52 10.55 23.10
C GLU B 12 -16.05 11.55 22.01
N VAL B 13 -15.55 12.72 22.46
CA VAL B 13 -15.03 13.80 21.65
C VAL B 13 -13.95 13.31 20.68
N ILE B 14 -13.01 12.49 21.16
CA ILE B 14 -11.89 12.05 20.34
C ILE B 14 -12.13 10.75 19.56
N GLU B 15 -13.28 10.07 19.77
CA GLU B 15 -13.55 8.83 19.04
C GLU B 15 -13.45 8.98 17.50
N PRO B 16 -12.61 8.16 16.84
CA PRO B 16 -12.48 8.28 15.37
C PRO B 16 -13.78 7.98 14.64
N GLU B 17 -14.06 8.71 13.54
CA GLU B 17 -15.24 8.44 12.73
C GLU B 17 -15.04 7.21 11.86
N VAL B 18 -16.14 6.51 11.57
CA VAL B 18 -16.12 5.29 10.78
C VAL B 18 -15.65 5.52 9.37
N LEU B 19 -14.70 4.71 8.93
CA LEU B 19 -14.13 4.81 7.62
C LEU B 19 -14.83 3.85 6.69
N TYR B 20 -14.83 4.18 5.42
CA TYR B 20 -15.41 3.36 4.39
C TYR B 20 -14.28 2.56 3.78
N ALA B 21 -14.51 1.27 3.54
CA ALA B 21 -13.55 0.35 2.95
C ALA B 21 -13.28 0.63 1.45
N GLY B 22 -14.26 1.23 0.77
CA GLY B 22 -14.21 1.46 -0.66
C GLY B 22 -14.55 0.15 -1.34
N TYR B 23 -15.74 -0.37 -1.06
CA TYR B 23 -16.14 -1.66 -1.59
C TYR B 23 -17.38 -1.60 -2.46
N ASP B 24 -17.31 -2.19 -3.66
CA ASP B 24 -18.44 -2.25 -4.56
C ASP B 24 -18.54 -3.65 -5.14
N SER B 25 -19.60 -4.37 -4.76
CA SER B 25 -19.91 -5.73 -5.15
C SER B 25 -19.99 -5.90 -6.67
N SER B 26 -20.43 -4.85 -7.39
CA SER B 26 -20.60 -4.84 -8.83
C SER B 26 -19.28 -4.92 -9.60
N VAL B 27 -18.17 -4.47 -8.98
CA VAL B 27 -16.87 -4.52 -9.64
C VAL B 27 -16.33 -5.95 -9.56
N PRO B 28 -16.14 -6.61 -10.70
CA PRO B 28 -15.67 -8.01 -10.68
C PRO B 28 -14.45 -8.27 -9.79
N ASP B 29 -14.52 -9.34 -8.98
CA ASP B 29 -13.43 -9.71 -8.07
C ASP B 29 -12.12 -9.96 -8.84
N SER B 30 -12.20 -10.51 -10.07
CA SER B 30 -11.02 -10.76 -10.89
C SER B 30 -10.48 -9.46 -11.42
N THR B 31 -11.35 -8.57 -11.91
CA THR B 31 -10.91 -7.28 -12.45
C THR B 31 -10.20 -6.44 -11.36
N TRP B 32 -10.76 -6.38 -10.13
CA TRP B 32 -10.17 -5.62 -9.04
C TRP B 32 -8.81 -6.19 -8.62
N ARG B 33 -8.70 -7.51 -8.61
CA ARG B 33 -7.49 -8.19 -8.22
C ARG B 33 -6.35 -7.90 -9.19
N ILE B 34 -6.64 -8.02 -10.51
CA ILE B 34 -5.63 -7.85 -11.54
C ILE B 34 -5.09 -6.46 -11.55
N MET B 35 -5.99 -5.49 -11.54
CA MET B 35 -5.63 -4.09 -11.57
C MET B 35 -4.86 -3.68 -10.29
N THR B 36 -5.34 -4.08 -9.11
CA THR B 36 -4.61 -3.79 -7.86
C THR B 36 -3.23 -4.45 -7.82
N THR B 37 -3.13 -5.73 -8.22
CA THR B 37 -1.86 -6.47 -8.28
C THR B 37 -0.88 -5.81 -9.25
N LEU B 38 -1.39 -5.29 -10.37
CA LEU B 38 -0.54 -4.63 -11.35
C LEU B 38 0.00 -3.31 -10.84
N ASN B 39 -0.80 -2.59 -10.05
CA ASN B 39 -0.36 -1.32 -9.46
C ASN B 39 0.68 -1.57 -8.39
N MET B 40 0.54 -2.64 -7.59
CA MET B 40 1.54 -2.98 -6.58
C MET B 40 2.86 -3.40 -7.21
N LEU B 41 2.82 -4.18 -8.30
CA LEU B 41 4.03 -4.60 -9.02
C LEU B 41 4.70 -3.37 -9.67
N GLY B 42 3.86 -2.48 -10.24
CA GLY B 42 4.30 -1.24 -10.87
C GLY B 42 5.00 -0.34 -9.88
N GLY B 43 4.58 -0.37 -8.61
CA GLY B 43 5.20 0.42 -7.56
C GLY B 43 6.61 -0.04 -7.28
N ARG B 44 6.80 -1.36 -7.24
CA ARG B 44 8.10 -1.98 -7.03
C ARG B 44 9.00 -1.83 -8.24
N GLN B 45 8.42 -1.87 -9.45
CA GLN B 45 9.15 -1.62 -10.68
C GLN B 45 9.60 -0.17 -10.72
N MET B 46 8.80 0.78 -10.21
CA MET B 46 9.11 2.19 -10.16
C MET B 46 10.24 2.43 -9.17
N ILE B 47 10.23 1.75 -8.01
CA ILE B 47 11.33 1.87 -7.04
C ILE B 47 12.65 1.45 -7.67
N ALA B 48 12.62 0.36 -8.46
CA ALA B 48 13.76 -0.20 -9.14
C ALA B 48 14.23 0.74 -10.24
N ALA B 49 13.28 1.38 -10.96
CA ALA B 49 13.54 2.34 -12.02
C ALA B 49 14.21 3.60 -11.50
N VAL B 50 13.96 3.98 -10.23
CA VAL B 50 14.63 5.14 -9.65
C VAL B 50 16.12 4.78 -9.47
N LYS B 51 16.41 3.59 -8.89
CA LYS B 51 17.76 3.04 -8.69
C LYS B 51 18.52 2.93 -10.04
N TRP B 52 17.81 2.45 -11.09
CA TRP B 52 18.34 2.29 -12.42
C TRP B 52 18.69 3.67 -13.01
N ALA B 53 17.82 4.67 -12.84
CA ALA B 53 18.05 6.00 -13.38
C ALA B 53 19.27 6.66 -12.77
N LYS B 54 19.53 6.42 -11.47
CA LYS B 54 20.71 6.98 -10.81
C LYS B 54 22.01 6.30 -11.29
N ALA B 55 21.92 5.02 -11.67
CA ALA B 55 23.05 4.27 -12.21
C ALA B 55 23.41 4.66 -13.65
N ILE B 56 22.58 5.47 -14.32
CA ILE B 56 22.83 5.90 -15.70
C ILE B 56 23.86 7.02 -15.68
N PRO B 57 24.94 6.88 -16.49
CA PRO B 57 26.00 7.91 -16.52
C PRO B 57 25.51 9.29 -16.94
N GLY B 58 25.64 10.25 -16.03
CA GLY B 58 25.26 11.64 -16.29
C GLY B 58 23.98 12.09 -15.63
N PHE B 59 23.14 11.15 -15.19
CA PHE B 59 21.86 11.51 -14.55
C PHE B 59 22.03 12.14 -13.18
N ARG B 60 22.94 11.60 -12.35
CA ARG B 60 23.17 12.16 -11.01
C ARG B 60 23.73 13.59 -11.02
N ASN B 61 24.25 14.05 -12.16
CA ASN B 61 24.80 15.40 -12.30
C ASN B 61 23.75 16.46 -12.52
N LEU B 62 22.56 16.06 -13.03
CA LEU B 62 21.43 16.95 -13.23
C LEU B 62 21.01 17.57 -11.89
N HIS B 63 20.28 18.70 -11.92
CA HIS B 63 19.76 19.31 -10.70
C HIS B 63 18.77 18.29 -10.04
N LEU B 64 18.77 18.15 -8.72
CA LEU B 64 17.90 17.17 -8.04
C LEU B 64 16.42 17.22 -8.50
N ASP B 65 15.89 18.42 -8.72
CA ASP B 65 14.51 18.56 -9.16
C ASP B 65 14.33 18.04 -10.60
N ASP B 66 15.38 18.15 -11.44
CA ASP B 66 15.40 17.65 -12.82
C ASP B 66 15.32 16.12 -12.87
N GLN B 67 16.02 15.45 -11.96
CA GLN B 67 15.99 13.99 -11.87
C GLN B 67 14.58 13.53 -11.47
N MET B 68 13.95 14.23 -10.53
CA MET B 68 12.61 13.91 -10.07
C MET B 68 11.62 14.02 -11.23
N THR B 69 11.68 15.17 -11.91
CA THR B 69 10.90 15.59 -13.07
C THR B 69 10.89 14.52 -14.18
N LEU B 70 12.07 14.02 -14.59
CA LEU B 70 12.18 13.03 -15.66
C LEU B 70 11.55 11.70 -15.25
N LEU B 71 11.73 11.31 -14.01
CA LEU B 71 11.15 10.07 -13.50
C LEU B 71 9.61 10.16 -13.39
N GLN B 72 9.07 11.33 -13.06
CA GLN B 72 7.62 11.51 -12.97
C GLN B 72 6.96 11.60 -14.37
N TYR B 73 7.63 12.28 -15.28
CA TYR B 73 7.16 12.46 -16.63
C TYR B 73 7.18 11.15 -17.47
N SER B 74 8.25 10.34 -17.36
CA SER B 74 8.41 9.10 -18.14
C SER B 74 8.06 7.75 -17.50
N TRP B 75 7.61 7.67 -16.23
CA TRP B 75 7.36 6.37 -15.58
C TRP B 75 6.52 5.38 -16.41
N MET B 76 5.38 5.82 -16.95
CA MET B 76 4.48 4.99 -17.75
C MET B 76 5.14 4.54 -19.01
N SER B 77 5.95 5.42 -19.59
CA SER B 77 6.70 5.15 -20.78
C SER B 77 7.68 4.00 -20.54
N LEU B 78 8.48 4.07 -19.47
CA LEU B 78 9.45 3.02 -19.14
C LEU B 78 8.78 1.67 -18.86
N MET B 79 7.68 1.67 -18.06
CA MET B 79 6.91 0.47 -17.69
C MET B 79 6.31 -0.26 -18.87
N ALA B 80 5.67 0.52 -19.78
CA ALA B 80 5.01 0.06 -20.97
C ALA B 80 6.02 -0.47 -21.99
N PHE B 81 7.16 0.21 -22.13
CA PHE B 81 8.19 -0.21 -23.06
C PHE B 81 8.83 -1.53 -22.58
N ALA B 82 9.19 -1.60 -21.27
CA ALA B 82 9.74 -2.82 -20.69
C ALA B 82 8.72 -3.97 -20.78
N LEU B 83 7.41 -3.67 -20.67
CA LEU B 83 6.30 -4.62 -20.78
C LEU B 83 6.24 -5.17 -22.20
N GLY B 84 6.38 -4.30 -23.20
CA GLY B 84 6.42 -4.71 -24.59
C GLY B 84 7.62 -5.59 -24.88
N TRP B 85 8.77 -5.24 -24.28
CA TRP B 85 9.99 -6.02 -24.43
C TRP B 85 9.83 -7.41 -23.84
N ARG B 86 9.33 -7.54 -22.60
CA ARG B 86 9.09 -8.82 -21.92
C ARG B 86 8.13 -9.72 -22.71
N SER B 87 7.09 -9.12 -23.28
CA SER B 87 6.07 -9.78 -24.06
C SER B 87 6.61 -10.24 -25.41
N TYR B 88 7.56 -9.47 -25.99
CA TYR B 88 8.25 -9.78 -27.25
C TYR B 88 9.21 -10.95 -27.00
N ARG B 89 10.05 -10.85 -25.96
CA ARG B 89 11.01 -11.87 -25.56
C ARG B 89 10.34 -13.16 -25.03
N GLN B 90 9.00 -13.26 -25.09
CA GLN B 90 8.21 -14.45 -24.77
C GLN B 90 7.77 -15.21 -26.06
N SER B 91 8.24 -14.73 -27.24
CA SER B 91 8.02 -15.20 -28.62
C SER B 91 6.60 -14.97 -29.15
N SER B 92 5.75 -14.33 -28.36
CA SER B 92 4.39 -14.04 -28.77
C SER B 92 4.07 -12.55 -28.57
N ALA B 93 4.00 -11.80 -29.69
CA ALA B 93 3.63 -10.39 -29.61
C ALA B 93 2.11 -10.19 -29.29
N ASN B 94 1.42 -11.32 -28.91
CA ASN B 94 -0.01 -11.44 -28.57
C ASN B 94 -0.28 -11.59 -27.07
N LEU B 95 0.79 -11.60 -26.24
CA LEU B 95 0.77 -11.73 -24.78
C LEU B 95 1.28 -10.46 -24.10
N LEU B 96 0.84 -10.22 -22.87
CA LEU B 96 1.31 -9.11 -22.06
C LEU B 96 1.97 -9.74 -20.86
N CYS B 97 3.29 -9.82 -20.88
CA CYS B 97 4.02 -10.48 -19.81
C CYS B 97 4.40 -9.44 -18.80
N PHE B 98 3.48 -9.17 -17.87
CA PHE B 98 3.66 -8.21 -16.79
C PHE B 98 4.75 -8.69 -15.84
N ALA B 99 4.68 -9.96 -15.48
CA ALA B 99 5.63 -10.66 -14.64
C ALA B 99 5.68 -12.13 -15.09
N PRO B 100 6.68 -12.93 -14.73
CA PRO B 100 6.70 -14.34 -15.18
C PRO B 100 5.52 -15.17 -14.66
N ASP B 101 4.85 -14.70 -13.61
CA ASP B 101 3.66 -15.35 -13.04
C ASP B 101 2.34 -14.63 -13.38
N LEU B 102 2.42 -13.49 -14.07
CA LEU B 102 1.26 -12.72 -14.52
C LEU B 102 1.44 -12.40 -16.01
N ILE B 103 1.02 -13.32 -16.85
CA ILE B 103 1.07 -13.23 -18.29
C ILE B 103 -0.38 -13.24 -18.77
N ILE B 104 -0.80 -12.19 -19.51
CA ILE B 104 -2.18 -12.07 -19.98
C ILE B 104 -2.34 -12.63 -21.41
N ASN B 105 -3.02 -13.79 -21.54
CA ASN B 105 -3.29 -14.45 -22.82
C ASN B 105 -4.72 -14.07 -23.22
N GLU B 106 -4.87 -13.27 -24.28
CA GLU B 106 -6.18 -12.79 -24.74
C GLU B 106 -7.02 -13.93 -25.37
N PRO B 112 -16.01 -6.00 -22.00
CA PRO B 112 -14.62 -5.64 -22.33
C PRO B 112 -14.34 -4.14 -22.37
N ASP B 113 -14.12 -3.51 -21.20
CA ASP B 113 -13.77 -2.09 -21.18
C ASP B 113 -12.30 -1.87 -21.55
N MET B 114 -11.43 -2.86 -21.25
CA MET B 114 -10.01 -2.74 -21.52
C MET B 114 -9.60 -3.12 -22.95
N TYR B 115 -10.55 -3.55 -23.82
CA TYR B 115 -10.24 -3.95 -25.21
C TYR B 115 -9.41 -2.91 -25.93
N ASP B 116 -9.74 -1.63 -25.73
CA ASP B 116 -9.01 -0.53 -26.33
C ASP B 116 -7.61 -0.38 -25.73
N GLN B 117 -7.51 -0.24 -24.40
CA GLN B 117 -6.22 -0.06 -23.71
C GLN B 117 -5.25 -1.21 -23.91
N CYS B 118 -5.77 -2.42 -24.14
CA CYS B 118 -4.98 -3.61 -24.41
C CYS B 118 -4.26 -3.50 -25.75
N LYS B 119 -4.93 -2.91 -26.75
CA LYS B 119 -4.34 -2.73 -28.08
C LYS B 119 -3.14 -1.79 -28.07
N HIS B 120 -3.14 -0.79 -27.17
CA HIS B 120 -2.03 0.14 -27.04
C HIS B 120 -0.82 -0.56 -26.39
N MET B 121 -1.08 -1.41 -25.38
CA MET B 121 -0.05 -2.16 -24.66
C MET B 121 0.57 -3.22 -25.55
N LEU B 122 -0.23 -3.86 -26.40
CA LEU B 122 0.23 -4.87 -27.34
C LEU B 122 0.99 -4.27 -28.52
N TYR B 123 0.69 -3.01 -28.88
CA TYR B 123 1.33 -2.28 -29.96
C TYR B 123 2.85 -2.23 -29.75
N VAL B 124 3.30 -1.96 -28.51
CA VAL B 124 4.72 -1.87 -28.20
C VAL B 124 5.43 -3.18 -28.55
N SER B 125 4.80 -4.29 -28.13
CA SER B 125 5.23 -5.66 -28.29
C SER B 125 5.30 -6.06 -29.75
N SER B 126 4.26 -5.74 -30.56
CA SER B 126 4.29 -6.10 -31.97
C SER B 126 5.25 -5.26 -32.78
N GLU B 127 5.51 -4.03 -32.35
CA GLU B 127 6.45 -3.16 -33.01
C GLU B 127 7.89 -3.63 -32.81
N LEU B 128 8.25 -4.03 -31.60
CA LEU B 128 9.58 -4.57 -31.32
C LEU B 128 9.80 -5.92 -32.06
N HIS B 129 8.71 -6.66 -32.28
CA HIS B 129 8.71 -7.92 -32.96
C HIS B 129 8.95 -7.65 -34.44
N ARG B 130 8.14 -6.79 -35.05
CA ARG B 130 8.27 -6.44 -36.46
C ARG B 130 9.67 -5.86 -36.78
N LEU B 131 10.18 -4.97 -35.93
CA LEU B 131 11.49 -4.37 -36.13
C LEU B 131 12.66 -5.27 -35.73
N GLN B 132 12.40 -6.41 -35.08
CA GLN B 132 13.45 -7.35 -34.67
C GLN B 132 14.53 -6.68 -33.83
N VAL B 133 14.09 -5.80 -32.93
CA VAL B 133 14.93 -5.00 -32.04
C VAL B 133 15.82 -5.88 -31.19
N SER B 134 17.12 -5.58 -31.16
CA SER B 134 18.06 -6.32 -30.35
C SER B 134 18.02 -5.77 -28.92
N TYR B 135 18.64 -6.49 -28.00
CA TYR B 135 18.70 -6.07 -26.60
C TYR B 135 19.52 -4.77 -26.49
N GLU B 136 20.61 -4.67 -27.25
CA GLU B 136 21.44 -3.47 -27.25
C GLU B 136 20.65 -2.19 -27.69
N GLU B 137 19.78 -2.32 -28.72
CA GLU B 137 18.97 -1.21 -29.21
C GLU B 137 17.91 -0.83 -28.19
N TYR B 138 17.25 -1.86 -27.60
CA TYR B 138 16.21 -1.68 -26.60
C TYR B 138 16.71 -0.88 -25.42
N LEU B 139 17.92 -1.16 -24.95
CA LEU B 139 18.49 -0.45 -23.82
C LEU B 139 18.67 1.07 -24.03
N CYS B 140 19.28 1.46 -25.19
CA CYS B 140 19.46 2.85 -25.63
C CYS B 140 18.10 3.49 -25.79
N MET B 141 17.15 2.78 -26.42
CA MET B 141 15.82 3.29 -26.61
C MET B 141 15.12 3.56 -25.23
N LYS B 142 15.29 2.67 -24.26
CA LYS B 142 14.69 2.82 -22.93
C LYS B 142 15.33 3.97 -22.11
N THR B 143 16.62 4.24 -22.32
CA THR B 143 17.29 5.36 -21.65
C THR B 143 16.79 6.68 -22.22
N LEU B 144 16.57 6.69 -23.55
CA LEU B 144 16.04 7.82 -24.28
C LEU B 144 14.60 8.16 -23.85
N LEU B 145 13.83 7.15 -23.43
CA LEU B 145 12.46 7.37 -22.97
C LEU B 145 12.44 8.15 -21.69
N LEU B 146 13.39 7.91 -20.78
CA LEU B 146 13.52 8.68 -19.55
C LEU B 146 13.83 10.20 -19.83
N LEU B 147 14.44 10.47 -20.99
CA LEU B 147 14.82 11.80 -21.45
C LEU B 147 13.90 12.30 -22.56
N SER B 148 12.66 11.80 -22.67
CA SER B 148 11.78 12.17 -23.79
C SER B 148 10.72 13.21 -23.49
N SER B 149 10.34 13.40 -22.22
CA SER B 149 9.36 14.40 -21.85
C SER B 149 10.01 15.33 -20.85
N VAL B 150 9.86 16.62 -21.07
CA VAL B 150 10.42 17.64 -20.17
C VAL B 150 9.33 18.65 -19.78
N PRO B 151 9.51 19.45 -18.72
CA PRO B 151 8.52 20.51 -18.43
C PRO B 151 8.49 21.51 -19.59
N LYS B 152 7.30 22.02 -19.94
CA LYS B 152 7.12 23.01 -21.02
C LYS B 152 8.06 24.21 -20.82
N ASP B 153 8.17 24.65 -19.57
CA ASP B 153 9.00 25.75 -19.09
C ASP B 153 10.52 25.48 -19.21
N GLY B 154 10.91 24.20 -19.26
CA GLY B 154 12.29 23.77 -19.39
C GLY B 154 12.83 23.13 -18.12
N LEU B 155 14.09 22.67 -18.15
CA LEU B 155 14.73 22.09 -16.99
C LEU B 155 15.82 23.02 -16.42
N LYS B 156 16.19 22.79 -15.16
CA LYS B 156 17.18 23.58 -14.46
C LYS B 156 18.63 23.33 -14.89
N SER B 157 18.90 22.18 -15.50
CA SER B 157 20.21 21.79 -16.04
C SER B 157 19.96 21.39 -17.50
N GLN B 158 19.29 22.28 -18.26
CA GLN B 158 18.92 22.09 -19.67
C GLN B 158 20.13 21.83 -20.55
N GLU B 159 21.28 22.45 -20.23
CA GLU B 159 22.50 22.25 -21.01
C GLU B 159 23.00 20.83 -20.82
N LEU B 160 23.06 20.35 -19.56
CA LEU B 160 23.55 18.99 -19.28
C LEU B 160 22.60 17.94 -19.81
N PHE B 161 21.29 18.19 -19.69
CA PHE B 161 20.25 17.30 -20.20
C PHE B 161 20.43 17.05 -21.71
N ASP B 162 20.66 18.13 -22.48
CA ASP B 162 20.87 18.05 -23.93
C ASP B 162 22.07 17.17 -24.26
N GLU B 163 23.16 17.37 -23.50
CA GLU B 163 24.37 16.59 -23.62
C GLU B 163 24.11 15.11 -23.35
N ILE B 164 23.42 14.74 -22.24
CA ILE B 164 23.08 13.34 -21.95
C ILE B 164 22.21 12.77 -23.08
N ARG B 165 21.17 13.51 -23.49
CA ARG B 165 20.26 13.04 -24.53
C ARG B 165 20.99 12.71 -25.84
N MET B 166 21.87 13.63 -26.28
CA MET B 166 22.70 13.54 -27.50
C MET B 166 23.53 12.25 -27.45
N THR B 167 24.10 11.96 -26.29
CA THR B 167 24.91 10.78 -26.00
C THR B 167 24.18 9.46 -26.23
N TYR B 168 22.89 9.38 -25.91
CA TYR B 168 22.15 8.13 -26.11
C TYR B 168 21.49 8.03 -27.49
N ILE B 169 21.29 9.16 -28.19
CA ILE B 169 20.86 9.12 -29.59
C ILE B 169 22.10 8.58 -30.39
N LYS B 170 23.29 9.11 -30.06
CA LYS B 170 24.59 8.74 -30.57
C LYS B 170 24.92 7.28 -30.24
N GLU B 171 24.49 6.80 -29.06
CA GLU B 171 24.72 5.43 -28.64
C GLU B 171 23.80 4.47 -29.36
N LEU B 172 22.54 4.87 -29.61
CA LEU B 172 21.64 4.02 -30.39
C LEU B 172 22.21 3.90 -31.84
N GLY B 173 22.78 5.00 -32.35
CA GLY B 173 23.42 5.03 -33.66
C GLY B 173 24.53 4.00 -33.78
N LYS B 174 25.44 3.96 -32.78
CA LYS B 174 26.55 3.01 -32.74
C LYS B 174 26.05 1.56 -32.66
N ALA B 175 25.01 1.31 -31.85
CA ALA B 175 24.45 -0.04 -31.72
C ALA B 175 23.93 -0.55 -33.08
N ILE B 176 23.38 0.35 -33.90
CA ILE B 176 22.86 0.02 -35.22
C ILE B 176 24.03 -0.18 -36.20
N VAL B 177 25.04 0.71 -36.18
CA VAL B 177 26.19 0.71 -37.07
C VAL B 177 26.95 -0.64 -37.07
N LYS B 178 27.04 -1.21 -38.30
CA LYS B 178 27.71 -2.45 -38.67
C LYS B 178 28.33 -2.29 -40.07
N GLN B 185 20.68 1.69 -45.04
CA GLN B 185 20.13 0.60 -44.22
C GLN B 185 20.23 0.96 -42.73
N ASN B 186 21.37 1.56 -42.32
CA ASN B 186 21.57 1.94 -40.92
C ASN B 186 20.74 3.18 -40.57
N TRP B 187 20.72 4.19 -41.46
CA TRP B 187 19.89 5.37 -41.25
C TRP B 187 18.40 4.97 -41.33
N GLN B 188 18.04 4.08 -42.26
CA GLN B 188 16.69 3.58 -42.41
C GLN B 188 16.19 2.89 -41.14
N ARG B 189 17.07 2.17 -40.44
CA ARG B 189 16.73 1.49 -39.22
C ARG B 189 16.57 2.50 -38.10
N PHE B 190 17.46 3.50 -38.02
CA PHE B 190 17.42 4.56 -37.01
C PHE B 190 16.09 5.32 -37.11
N TYR B 191 15.62 5.60 -38.33
CA TYR B 191 14.34 6.25 -38.54
C TYR B 191 13.18 5.44 -37.94
N GLN B 192 13.16 4.12 -38.16
CA GLN B 192 12.11 3.26 -37.66
C GLN B 192 12.10 3.14 -36.11
N LEU B 193 13.29 3.03 -35.50
CA LEU B 193 13.41 2.91 -34.05
C LEU B 193 13.04 4.24 -33.39
N THR B 194 13.51 5.38 -33.94
CA THR B 194 13.15 6.68 -33.36
C THR B 194 11.67 7.05 -33.66
N LYS B 195 11.07 6.42 -34.67
CA LYS B 195 9.65 6.59 -34.98
C LYS B 195 8.83 5.88 -33.88
N LEU B 196 9.29 4.69 -33.46
CA LEU B 196 8.69 3.91 -32.38
C LEU B 196 8.83 4.67 -31.07
N LEU B 197 9.97 5.36 -30.85
CA LEU B 197 10.14 6.19 -29.66
C LEU B 197 9.10 7.32 -29.66
N ASP B 198 8.80 7.87 -30.83
CA ASP B 198 7.79 8.93 -30.94
C ASP B 198 6.38 8.40 -30.73
N SER B 199 6.10 7.18 -31.21
CA SER B 199 4.79 6.59 -31.03
C SER B 199 4.51 6.16 -29.57
N MET B 200 5.56 6.17 -28.68
CA MET B 200 5.41 5.90 -27.25
C MET B 200 4.64 7.05 -26.56
N HIS B 201 4.72 8.29 -27.08
CA HIS B 201 3.97 9.41 -26.50
C HIS B 201 2.47 9.15 -26.58
N GLU B 202 2.02 8.56 -27.70
CA GLU B 202 0.62 8.22 -27.98
C GLU B 202 0.19 7.03 -27.12
N VAL B 203 1.08 6.05 -26.93
CA VAL B 203 0.75 4.88 -26.11
C VAL B 203 0.59 5.32 -24.65
N VAL B 204 1.57 6.08 -24.15
CA VAL B 204 1.57 6.64 -22.80
C VAL B 204 0.36 7.53 -22.55
N GLU B 205 -0.07 8.31 -23.54
CA GLU B 205 -1.25 9.17 -23.38
C GLU B 205 -2.53 8.37 -23.11
N ASN B 206 -2.76 7.29 -23.85
CA ASN B 206 -3.97 6.48 -23.66
C ASN B 206 -3.94 5.64 -22.38
N LEU B 207 -2.73 5.22 -21.96
CA LEU B 207 -2.50 4.46 -20.75
C LEU B 207 -2.66 5.30 -19.49
N LEU B 208 -2.12 6.54 -19.50
CA LEU B 208 -2.22 7.46 -18.36
C LEU B 208 -3.63 7.94 -18.18
N ASN B 209 -4.38 8.13 -19.27
CA ASN B 209 -5.79 8.53 -19.19
C ASN B 209 -6.58 7.45 -18.43
N TYR B 210 -6.30 6.18 -18.68
CA TYR B 210 -6.94 5.06 -18.00
C TYR B 210 -6.51 5.05 -16.54
N CYS B 211 -5.20 5.21 -16.30
CA CYS B 211 -4.58 5.28 -14.98
C CYS B 211 -5.21 6.36 -14.08
N PHE B 212 -5.36 7.59 -14.57
CA PHE B 212 -5.94 8.69 -13.78
C PHE B 212 -7.45 8.50 -13.49
N GLN B 213 -8.17 7.82 -14.38
CA GLN B 213 -9.57 7.51 -14.20
C GLN B 213 -9.73 6.50 -13.04
N THR B 214 -8.94 5.41 -13.05
CA THR B 214 -9.00 4.38 -12.00
C THR B 214 -8.43 4.86 -10.66
N PHE B 215 -7.50 5.79 -10.70
CA PHE B 215 -6.95 6.39 -9.50
C PHE B 215 -8.00 7.22 -8.76
N LEU B 216 -8.97 7.81 -9.49
CA LEU B 216 -9.98 8.64 -8.86
C LEU B 216 -11.31 7.98 -8.69
N ASP B 217 -11.61 6.92 -9.43
CA ASP B 217 -12.92 6.25 -9.32
C ASP B 217 -13.13 5.62 -7.95
N LYS B 218 -14.07 6.22 -7.18
CA LYS B 218 -14.42 5.77 -5.82
C LYS B 218 -15.28 4.52 -5.79
N THR B 219 -15.96 4.18 -6.90
CA THR B 219 -16.78 2.97 -6.91
C THR B 219 -15.87 1.75 -7.05
N MET B 220 -14.96 1.77 -8.03
CA MET B 220 -14.02 0.65 -8.23
C MET B 220 -13.10 0.54 -7.03
N SER B 221 -12.55 1.70 -6.61
CA SER B 221 -11.61 1.83 -5.50
C SER B 221 -10.44 0.87 -5.62
N ILE B 222 -9.77 0.90 -6.80
CA ILE B 222 -8.58 0.14 -7.09
C ILE B 222 -7.48 0.69 -6.17
N GLU B 223 -6.64 -0.19 -5.64
CA GLU B 223 -5.55 0.22 -4.75
C GLU B 223 -4.23 0.49 -5.51
N PHE B 224 -3.55 1.55 -5.10
CA PHE B 224 -2.28 1.94 -5.69
C PHE B 224 -1.23 2.01 -4.57
N PRO B 225 0.01 1.58 -4.84
CA PRO B 225 1.07 1.72 -3.83
C PRO B 225 1.39 3.21 -3.64
N GLU B 226 1.93 3.55 -2.47
CA GLU B 226 2.27 4.92 -2.13
C GLU B 226 3.25 5.57 -3.13
N MET B 227 4.16 4.78 -3.69
CA MET B 227 5.10 5.28 -4.70
C MET B 227 4.36 5.73 -5.96
N LEU B 228 3.41 4.92 -6.47
CA LEU B 228 2.66 5.32 -7.67
C LEU B 228 1.62 6.39 -7.40
N ALA B 229 0.94 6.35 -6.23
CA ALA B 229 -0.06 7.37 -5.90
C ALA B 229 0.58 8.76 -5.86
N GLU B 230 1.78 8.85 -5.30
CA GLU B 230 2.50 10.10 -5.20
C GLU B 230 2.88 10.60 -6.57
N ILE B 231 3.34 9.69 -7.45
CA ILE B 231 3.73 10.07 -8.81
C ILE B 231 2.51 10.61 -9.56
N ILE B 232 1.42 9.84 -9.55
CA ILE B 232 0.17 10.19 -10.20
C ILE B 232 -0.36 11.53 -9.71
N THR B 233 -0.37 11.74 -8.38
CA THR B 233 -0.85 12.97 -7.73
C THR B 233 -0.07 14.19 -8.18
N ASN B 234 1.24 14.03 -8.38
CA ASN B 234 2.08 15.14 -8.83
C ASN B 234 1.88 15.45 -10.30
N GLN B 235 1.67 14.42 -11.11
CA GLN B 235 1.56 14.59 -12.55
C GLN B 235 0.18 14.95 -13.09
N ILE B 236 -0.95 14.52 -12.49
CA ILE B 236 -2.29 14.86 -13.01
C ILE B 236 -2.45 16.36 -13.37
N PRO B 237 -2.05 17.33 -12.51
CA PRO B 237 -2.22 18.74 -12.89
C PRO B 237 -1.43 19.13 -14.13
N LYS B 238 -0.18 18.63 -14.26
CA LYS B 238 0.70 18.92 -15.39
C LYS B 238 0.13 18.39 -16.70
N TYR B 239 -0.44 17.19 -16.66
CA TYR B 239 -1.08 16.49 -17.79
C TYR B 239 -2.30 17.27 -18.29
N SER B 240 -3.09 17.79 -17.34
CA SER B 240 -4.30 18.57 -17.57
C SER B 240 -3.96 19.93 -18.22
N ASN B 241 -3.00 20.66 -17.63
CA ASN B 241 -2.59 21.95 -18.17
C ASN B 241 -1.69 21.87 -19.39
N GLY B 242 -1.46 20.68 -19.94
CA GLY B 242 -0.56 20.48 -21.08
C GLY B 242 0.84 21.05 -20.84
N ASN B 243 1.27 21.02 -19.57
CA ASN B 243 2.56 21.46 -19.05
C ASN B 243 3.68 20.48 -19.44
N ILE B 244 3.48 19.62 -20.45
CA ILE B 244 4.47 18.61 -20.83
C ILE B 244 4.98 18.77 -22.26
N LYS B 245 6.27 19.10 -22.42
CA LYS B 245 6.92 19.21 -23.72
C LYS B 245 7.45 17.82 -24.16
N LYS B 246 6.87 17.25 -25.24
CA LYS B 246 7.23 15.94 -25.74
C LYS B 246 8.30 16.05 -26.78
N LEU B 247 9.55 15.75 -26.40
CA LEU B 247 10.67 15.80 -27.33
C LEU B 247 10.50 14.68 -28.39
N LEU B 248 10.56 15.04 -29.67
CA LEU B 248 10.38 14.09 -30.77
C LEU B 248 11.56 14.14 -31.77
N PHE B 249 11.75 13.03 -32.49
CA PHE B 249 12.77 12.84 -33.51
C PHE B 249 12.22 13.24 -34.90
N HIS B 250 10.94 12.94 -35.16
CA HIS B 250 10.36 13.22 -36.47
C HIS B 250 9.19 14.15 -36.41
N GLN B 251 9.19 15.17 -37.28
CA GLN B 251 8.14 16.17 -37.42
C GLN B 251 7.07 15.62 -38.37
N ASN C 3 8.95 3.72 12.27
CA ASN C 3 9.21 4.57 11.09
C ASN C 3 7.95 5.38 10.74
N ALA C 4 6.91 4.74 10.18
CA ALA C 4 5.63 5.38 9.86
C ALA C 4 4.87 5.66 11.16
N LEU C 5 4.96 4.77 12.16
CA LEU C 5 4.29 4.96 13.45
C LEU C 5 4.98 6.13 14.17
N LEU C 6 6.31 6.15 14.17
CA LEU C 6 7.10 7.20 14.80
C LEU C 6 6.82 8.57 14.13
N ARG C 7 6.55 8.58 12.82
CA ARG C 7 6.24 9.82 12.11
C ARG C 7 4.90 10.33 12.60
N TYR C 8 3.89 9.46 12.66
CA TYR C 8 2.55 9.84 13.09
C TYR C 8 2.49 10.23 14.58
N LEU C 9 3.44 9.75 15.40
CA LEU C 9 3.52 10.13 16.81
C LEU C 9 4.31 11.44 17.00
N LEU C 10 5.31 11.70 16.12
CA LEU C 10 6.13 12.92 16.17
C LEU C 10 5.31 14.15 15.87
N ASP C 11 4.34 14.04 14.93
CA ASP C 11 3.46 15.17 14.63
C ASP C 11 2.24 15.14 15.56
N GLU D 2 6.67 15.69 -2.74
CA GLU D 2 7.26 14.58 -3.49
C GLU D 2 8.26 13.78 -2.64
N ASN D 3 7.80 13.41 -1.43
CA ASN D 3 8.44 12.70 -0.32
C ASN D 3 9.20 11.38 -0.65
N ALA D 4 8.50 10.34 -1.16
CA ALA D 4 9.09 9.02 -1.43
C ALA D 4 10.11 9.04 -2.56
N LEU D 5 9.78 9.67 -3.71
CA LEU D 5 10.70 9.74 -4.85
C LEU D 5 11.96 10.50 -4.45
N LEU D 6 11.79 11.59 -3.67
CA LEU D 6 12.88 12.42 -3.14
C LEU D 6 13.77 11.62 -2.17
N ARG D 7 13.19 10.64 -1.43
CA ARG D 7 13.98 9.83 -0.51
C ARG D 7 14.81 8.77 -1.27
N TYR D 8 14.28 8.20 -2.38
CA TYR D 8 15.00 7.21 -3.19
C TYR D 8 16.12 7.86 -3.98
N LEU D 9 15.94 9.11 -4.44
CA LEU D 9 16.98 9.79 -5.20
C LEU D 9 18.15 10.17 -4.28
N LEU D 10 17.84 10.71 -3.09
CA LEU D 10 18.88 11.07 -2.12
C LEU D 10 19.57 9.84 -1.54
N ASP D 11 18.80 8.77 -1.27
CA ASP D 11 19.22 7.45 -0.72
C ASP D 11 20.70 7.13 -0.84
#